data_7OB5
#
_entry.id   7OB5
#
_cell.length_a   82.590
_cell.length_b   112.188
_cell.length_c   62.573
_cell.angle_alpha   90.000
_cell.angle_beta   90.000
_cell.angle_gamma   90.000
#
_symmetry.space_group_name_H-M   'C 2 2 21'
#
loop_
_entity.id
_entity.type
_entity.pdbx_description
1 polymer '14-3-3 protein sigma'
2 polymer 'LDB1 phosphopeptide'
3 non-polymer 'CALCIUM ION'
4 non-polymer 'CHLORIDE ION'
5 non-polymer 'MAGNESIUM ION'
6 non-polymer GLYCEROL
7 water water
#
loop_
_entity_poly.entity_id
_entity_poly.type
_entity_poly.pdbx_seq_one_letter_code
_entity_poly.pdbx_strand_id
1 'polypeptide(L)'
;GAMGSMERASLIQKAKLAEQAERYEDMAAFMKGAVEKGEELS(CSO)EERNLLSVAYKNVVGGQRAAWRVLSSIEQKSNE
EGSEEKGPEVREYREKVETELQGVCDTVLGLLDSHLIKEAGDAESRVFYLKMKGDYYRYLAEVATGDDKKRIIDSARSAY
QEAMDISKKEMPPTNPIRLGLALNFSVFHYEIANSPEEAISLAKTTFDEAMADLHTLSEDSYKDSTLIMQLLRDNLTLWT
ADNAGEEGGEAPQEPQS
;
A
2 'polypeptide(L)' KSENPTSQA(SEP)Q P
#
# COMPACT_ATOMS: atom_id res chain seq x y z
N GLY A 1 2.51 15.94 19.69
CA GLY A 1 3.23 15.74 18.39
C GLY A 1 3.73 17.08 17.92
N ALA A 2 4.82 17.07 17.12
CA ALA A 2 5.46 18.32 16.72
C ALA A 2 4.58 19.16 15.81
N MET A 3 3.51 18.59 15.25
CA MET A 3 2.58 19.34 14.42
C MET A 3 1.35 19.82 15.18
N GLY A 4 1.31 19.60 16.49
CA GLY A 4 0.13 19.94 17.27
C GLY A 4 -0.19 21.43 17.27
N SER A 5 0.82 22.27 17.08
CA SER A 5 0.58 23.71 17.11
C SER A 5 0.22 24.29 15.75
N MET A 6 0.24 23.50 14.67
CA MET A 6 -0.03 24.02 13.33
C MET A 6 -1.48 23.77 12.92
N GLU A 7 -2.10 24.77 12.30
CA GLU A 7 -3.47 24.64 11.81
C GLU A 7 -3.61 23.45 10.86
N ARG A 8 -4.76 22.79 10.92
CA ARG A 8 -5.04 21.71 9.98
C ARG A 8 -4.87 22.15 8.53
N ALA A 9 -5.45 23.30 8.17
CA ALA A 9 -5.36 23.74 6.77
C ALA A 9 -3.93 24.01 6.35
N SER A 10 -3.11 24.54 7.28
CA SER A 10 -1.71 24.83 6.98
C SER A 10 -0.93 23.54 6.75
N LEU A 11 -1.23 22.50 7.54
CA LEU A 11 -0.62 21.19 7.36
C LEU A 11 -0.95 20.62 5.98
N ILE A 12 -2.22 20.74 5.56
CA ILE A 12 -2.59 20.25 4.24
C ILE A 12 -1.88 21.07 3.15
N GLN A 13 -1.85 22.39 3.31
CA GLN A 13 -1.15 23.22 2.33
C GLN A 13 0.32 22.84 2.22
N LYS A 14 0.98 22.63 3.35
CA LYS A 14 2.41 22.26 3.32
C LYS A 14 2.62 20.85 2.82
N ALA A 15 1.69 19.93 3.06
CA ALA A 15 1.79 18.60 2.44
C ALA A 15 1.84 18.71 0.92
N LYS A 16 0.99 19.57 0.34
CA LYS A 16 1.00 19.75 -1.11
C LYS A 16 2.30 20.39 -1.59
N LEU A 17 2.84 21.35 -0.84
CA LEU A 17 4.14 21.93 -1.18
C LEU A 17 5.25 20.88 -1.10
N ALA A 18 5.24 20.06 -0.04
CA ALA A 18 6.24 19.02 0.10
C ALA A 18 6.18 18.04 -1.07
N GLU A 19 4.96 17.70 -1.53
CA GLU A 19 4.86 16.84 -2.69
C GLU A 19 5.50 17.50 -3.92
N GLN A 20 5.26 18.78 -4.14
CA GLN A 20 5.86 19.46 -5.29
C GLN A 20 7.37 19.47 -5.18
N ALA A 21 7.90 19.52 -3.97
CA ALA A 21 9.33 19.53 -3.74
C ALA A 21 9.91 18.13 -3.61
N GLU A 22 9.09 17.10 -3.78
CA GLU A 22 9.51 15.71 -3.61
C GLU A 22 10.14 15.45 -2.24
N ARG A 23 9.56 16.08 -1.22
CA ARG A 23 9.99 15.92 0.16
C ARG A 23 8.95 15.06 0.87
N TYR A 24 9.01 13.75 0.61
CA TYR A 24 7.92 12.87 1.03
C TYR A 24 7.93 12.57 2.52
N GLU A 25 9.08 12.58 3.18
N GLU A 25 9.08 12.58 3.18
CA GLU A 25 9.09 12.44 4.64
CA GLU A 25 9.09 12.44 4.63
C GLU A 25 8.38 13.62 5.30
C GLU A 25 8.38 13.62 5.30
N ASP A 26 8.69 14.84 4.86
CA ASP A 26 7.97 16.01 5.33
C ASP A 26 6.48 15.87 5.04
N MET A 27 6.14 15.49 3.80
CA MET A 27 4.74 15.33 3.41
C MET A 27 4.01 14.39 4.35
N ALA A 28 4.64 13.26 4.68
CA ALA A 28 4.02 12.29 5.60
C ALA A 28 3.85 12.87 6.99
N ALA A 29 4.86 13.59 7.50
CA ALA A 29 4.73 14.17 8.82
C ALA A 29 3.61 15.22 8.85
N PHE A 30 3.47 15.99 7.77
CA PHE A 30 2.40 16.99 7.71
C PHE A 30 1.04 16.30 7.73
N MET A 31 0.89 15.25 6.91
CA MET A 31 -0.40 14.54 6.87
C MET A 31 -0.68 13.80 8.16
N LYS A 32 0.35 13.25 8.80
CA LYS A 32 0.15 12.64 10.11
C LYS A 32 -0.42 13.68 11.07
N GLY A 33 0.17 14.88 11.07
CA GLY A 33 -0.34 15.96 11.90
C GLY A 33 -1.79 16.30 11.58
N ALA A 34 -2.14 16.34 10.28
CA ALA A 34 -3.52 16.62 9.87
C ALA A 34 -4.47 15.54 10.38
N VAL A 35 -4.11 14.28 10.22
CA VAL A 35 -4.96 13.21 10.73
C VAL A 35 -5.18 13.35 12.23
N GLU A 36 -4.11 13.71 12.97
CA GLU A 36 -4.17 13.78 14.43
C GLU A 36 -5.01 14.96 14.91
N LYS A 37 -5.46 15.83 14.01
CA LYS A 37 -6.43 16.83 14.41
C LYS A 37 -7.78 16.22 14.77
N GLY A 38 -8.05 14.99 14.32
CA GLY A 38 -9.24 14.26 14.73
C GLY A 38 -10.44 14.36 13.82
N GLU A 39 -10.40 15.22 12.80
CA GLU A 39 -11.47 15.32 11.82
C GLU A 39 -11.26 14.28 10.72
N GLU A 40 -12.36 13.86 10.11
CA GLU A 40 -12.30 12.95 8.97
C GLU A 40 -11.57 13.63 7.83
N LEU A 41 -11.07 12.82 6.89
CA LEU A 41 -10.34 13.31 5.73
C LEU A 41 -11.23 13.30 4.50
N SER A 42 -11.13 14.36 3.71
CA SER A 42 -11.73 14.40 2.39
C SER A 42 -11.06 13.43 1.42
N GLU A 44 -9.49 14.10 -1.37
N GLU A 44 -9.50 14.10 -1.42
CA GLU A 44 -8.18 14.62 -1.76
CA GLU A 44 -8.18 14.64 -1.76
C GLU A 44 -7.17 14.43 -0.63
C GLU A 44 -7.17 14.43 -0.63
N GLU A 45 -7.63 14.63 0.60
CA GLU A 45 -6.73 14.50 1.76
C GLU A 45 -6.30 13.05 1.99
N ARG A 46 -7.23 12.10 1.77
CA ARG A 46 -6.89 10.69 1.88
C ARG A 46 -5.81 10.34 0.86
N ASN A 47 -5.93 10.88 -0.34
CA ASN A 47 -4.92 10.58 -1.35
C ASN A 47 -3.59 11.20 -1.00
N LEU A 48 -3.58 12.38 -0.37
CA LEU A 48 -2.30 12.96 0.03
C LEU A 48 -1.62 12.10 1.08
N LEU A 49 -2.41 11.59 2.04
CA LEU A 49 -1.89 10.70 3.06
C LEU A 49 -1.27 9.46 2.43
N SER A 50 -2.00 8.83 1.50
CA SER A 50 -1.51 7.63 0.82
C SER A 50 -0.25 7.89 0.00
N VAL A 51 -0.24 8.98 -0.78
CA VAL A 51 0.93 9.30 -1.60
C VAL A 51 2.17 9.47 -0.74
N ALA A 52 2.03 10.20 0.37
CA ALA A 52 3.18 10.51 1.21
C ALA A 52 3.81 9.24 1.75
N TYR A 53 3.01 8.38 2.39
CA TYR A 53 3.58 7.20 3.02
C TYR A 53 3.99 6.16 1.99
N LYS A 54 3.29 6.09 0.85
CA LYS A 54 3.71 5.16 -0.20
C LYS A 54 5.12 5.46 -0.65
N ASN A 55 5.46 6.74 -0.82
CA ASN A 55 6.80 7.12 -1.23
C ASN A 55 7.83 6.88 -0.14
N VAL A 56 7.52 7.21 1.12
CA VAL A 56 8.46 6.95 2.20
C VAL A 56 8.76 5.44 2.32
N VAL A 57 7.71 4.63 2.45
N VAL A 57 7.72 4.64 2.48
CA VAL A 57 7.90 3.20 2.67
CA VAL A 57 7.94 3.20 2.66
C VAL A 57 8.38 2.52 1.39
C VAL A 57 8.46 2.58 1.38
N GLY A 58 8.02 3.06 0.23
CA GLY A 58 8.51 2.51 -1.02
C GLY A 58 10.01 2.59 -1.12
N GLY A 59 10.58 3.74 -0.76
CA GLY A 59 12.03 3.88 -0.72
C GLY A 59 12.71 2.99 0.32
N GLN A 60 12.10 2.86 1.50
CA GLN A 60 12.66 1.94 2.51
C GLN A 60 12.63 0.51 2.00
N ARG A 61 11.54 0.10 1.34
CA ARG A 61 11.45 -1.26 0.86
C ARG A 61 12.49 -1.53 -0.23
N ALA A 62 12.70 -0.56 -1.12
CA ALA A 62 13.71 -0.71 -2.16
C ALA A 62 15.10 -0.86 -1.56
N ALA A 63 15.40 -0.08 -0.53
CA ALA A 63 16.68 -0.19 0.16
C ALA A 63 16.81 -1.54 0.87
N TRP A 64 15.76 -1.94 1.58
CA TRP A 64 15.77 -3.24 2.24
C TRP A 64 16.04 -4.36 1.23
N ARG A 65 15.45 -4.29 0.04
CA ARG A 65 15.67 -5.36 -0.93
C ARG A 65 17.12 -5.39 -1.39
N VAL A 66 17.72 -4.22 -1.62
CA VAL A 66 19.13 -4.16 -1.98
C VAL A 66 19.98 -4.84 -0.91
N LEU A 67 19.77 -4.46 0.36
CA LEU A 67 20.59 -4.99 1.45
C LEU A 67 20.32 -6.47 1.69
N SER A 68 19.05 -6.90 1.62
N SER A 68 19.05 -6.91 1.62
CA SER A 68 18.74 -8.32 1.80
CA SER A 68 18.76 -8.32 1.80
C SER A 68 19.44 -9.17 0.75
C SER A 68 19.45 -9.18 0.75
N SER A 69 19.49 -8.70 -0.49
CA SER A 69 20.17 -9.43 -1.56
C SER A 69 21.66 -9.54 -1.28
N ILE A 70 22.28 -8.45 -0.81
CA ILE A 70 23.69 -8.52 -0.45
C ILE A 70 23.88 -9.49 0.70
N GLU A 71 22.98 -9.47 1.68
CA GLU A 71 23.07 -10.36 2.82
C GLU A 71 22.95 -11.81 2.39
N GLN A 72 22.05 -12.09 1.46
CA GLN A 72 21.87 -13.46 0.98
C GLN A 72 23.11 -13.95 0.24
N LYS A 73 23.69 -13.10 -0.61
CA LYS A 73 24.92 -13.47 -1.30
C LYS A 73 26.01 -13.80 -0.30
N SER A 74 26.12 -13.03 0.78
CA SER A 74 27.16 -13.27 1.78
C SER A 74 27.00 -14.63 2.44
N ASN A 75 25.82 -15.23 2.41
CA ASN A 75 25.59 -16.50 3.06
C ASN A 75 25.66 -17.69 2.10
N GLU A 76 26.10 -17.46 0.85
CA GLU A 76 26.23 -18.57 -0.07
C GLU A 76 27.54 -19.33 0.19
N GLU A 77 27.69 -20.46 -0.47
CA GLU A 77 28.93 -21.21 -0.43
C GLU A 77 30.04 -20.41 -1.10
N GLY A 78 31.18 -20.27 -0.41
CA GLY A 78 32.35 -19.63 -0.98
C GLY A 78 32.44 -18.13 -0.77
N SER A 79 31.47 -17.52 -0.10
CA SER A 79 31.50 -16.09 0.16
C SER A 79 32.41 -15.81 1.35
N GLU A 80 33.25 -14.80 1.22
CA GLU A 80 34.17 -14.45 2.30
C GLU A 80 33.40 -13.81 3.45
N GLU A 81 33.75 -14.19 4.68
CA GLU A 81 33.12 -13.62 5.86
C GLU A 81 33.51 -12.15 5.99
N LYS A 82 32.50 -11.29 6.19
CA LYS A 82 32.75 -9.84 6.27
C LYS A 82 32.25 -9.24 7.58
N GLY A 83 31.80 -10.07 8.51
CA GLY A 83 31.37 -9.60 9.80
C GLY A 83 29.89 -9.28 9.82
N PRO A 84 29.46 -8.61 10.89
CA PRO A 84 28.03 -8.40 11.16
C PRO A 84 27.42 -7.21 10.46
N GLU A 85 28.21 -6.46 9.69
CA GLU A 85 27.78 -5.12 9.27
C GLU A 85 26.60 -5.19 8.30
N VAL A 86 26.62 -6.12 7.35
CA VAL A 86 25.51 -6.19 6.40
C VAL A 86 24.21 -6.49 7.12
N ARG A 87 24.23 -7.50 7.99
CA ARG A 87 23.05 -7.84 8.77
C ARG A 87 22.61 -6.66 9.62
N GLU A 88 23.56 -6.00 10.29
CA GLU A 88 23.22 -4.88 11.15
C GLU A 88 22.49 -3.78 10.38
N TYR A 89 23.01 -3.43 9.20
CA TYR A 89 22.46 -2.31 8.46
C TYR A 89 21.13 -2.70 7.82
N ARG A 90 21.00 -3.94 7.36
CA ARG A 90 19.68 -4.42 6.91
C ARG A 90 18.67 -4.35 8.06
N GLU A 91 19.06 -4.79 9.27
CA GLU A 91 18.19 -4.68 10.44
C GLU A 91 17.82 -3.23 10.73
N LYS A 92 18.76 -2.29 10.59
CA LYS A 92 18.47 -0.88 10.83
C LYS A 92 17.38 -0.38 9.88
N VAL A 93 17.56 -0.64 8.60
CA VAL A 93 16.56 -0.23 7.62
C VAL A 93 15.26 -0.94 7.88
N GLU A 94 15.30 -2.24 8.18
CA GLU A 94 14.09 -3.00 8.46
C GLU A 94 13.32 -2.41 9.63
N THR A 95 14.01 -2.06 10.70
CA THR A 95 13.36 -1.49 11.88
C THR A 95 12.71 -0.16 11.55
N GLU A 96 13.38 0.68 10.75
N GLU A 96 13.35 0.67 10.74
CA GLU A 96 12.82 1.97 10.38
CA GLU A 96 12.75 1.96 10.40
C GLU A 96 11.56 1.78 9.53
C GLU A 96 11.52 1.77 9.52
N LEU A 97 11.61 0.82 8.61
N LEU A 97 11.59 0.82 8.58
CA LEU A 97 10.46 0.48 7.78
CA LEU A 97 10.44 0.46 7.76
C LEU A 97 9.29 -0.02 8.62
C LEU A 97 9.28 -0.02 8.62
N GLN A 98 9.55 -0.92 9.56
CA GLN A 98 8.49 -1.42 10.45
C GLN A 98 7.91 -0.27 11.26
N GLY A 99 8.75 0.68 11.68
CA GLY A 99 8.23 1.80 12.42
C GLY A 99 7.26 2.66 11.61
N VAL A 100 7.59 2.88 10.35
CA VAL A 100 6.69 3.65 9.50
C VAL A 100 5.38 2.89 9.29
N CYS A 101 5.45 1.59 9.03
CA CYS A 101 4.24 0.80 8.87
C CYS A 101 3.39 0.84 10.13
N ASP A 102 4.03 0.74 11.30
CA ASP A 102 3.29 0.80 12.55
C ASP A 102 2.63 2.15 12.74
N THR A 103 3.29 3.22 12.31
CA THR A 103 2.70 4.55 12.42
C THR A 103 1.45 4.67 11.57
N VAL A 104 1.52 4.19 10.33
CA VAL A 104 0.37 4.25 9.44
C VAL A 104 -0.78 3.41 9.99
N LEU A 105 -0.47 2.18 10.43
CA LEU A 105 -1.50 1.31 10.98
C LEU A 105 -2.10 1.92 12.24
N GLY A 106 -1.30 2.64 13.01
CA GLY A 106 -1.80 3.34 14.17
C GLY A 106 -2.76 4.47 13.83
N LEU A 107 -2.48 5.20 12.74
CA LEU A 107 -3.39 6.25 12.32
C LEU A 107 -4.71 5.63 11.86
N LEU A 108 -4.64 4.51 11.15
CA LEU A 108 -5.86 3.86 10.69
C LEU A 108 -6.69 3.36 11.86
N ASP A 109 -6.03 2.84 12.90
CA ASP A 109 -6.73 2.29 14.06
C ASP A 109 -7.17 3.37 15.05
N SER A 110 -6.52 4.53 15.03
CA SER A 110 -6.82 5.64 15.94
C SER A 110 -6.89 6.96 15.19
N HIS A 111 -8.00 7.26 14.50
CA HIS A 111 -9.27 6.52 14.51
C HIS A 111 -9.92 6.58 13.15
N LEU A 112 -9.11 6.55 12.09
CA LEU A 112 -9.63 6.78 10.74
C LEU A 112 -10.67 5.73 10.34
N ILE A 113 -10.38 4.46 10.57
CA ILE A 113 -11.28 3.41 10.07
C ILE A 113 -12.62 3.47 10.79
N LYS A 114 -12.59 3.65 12.12
CA LYS A 114 -13.85 3.53 12.84
C LYS A 114 -14.80 4.68 12.53
N GLU A 115 -14.32 5.84 12.09
N GLU A 115 -14.26 5.81 12.08
CA GLU A 115 -15.25 6.89 11.71
CA GLU A 115 -15.04 6.98 11.71
C GLU A 115 -15.64 6.84 10.24
C GLU A 115 -15.38 7.02 10.22
N ALA A 116 -14.98 6.01 9.43
CA ALA A 116 -15.19 6.01 7.98
C ALA A 116 -16.44 5.20 7.64
N GLY A 117 -17.50 5.90 7.27
CA GLY A 117 -18.77 5.25 6.99
C GLY A 117 -19.15 5.12 5.52
N ASP A 118 -18.64 5.99 4.67
CA ASP A 118 -18.93 5.89 3.25
C ASP A 118 -18.03 4.84 2.61
N ALA A 119 -18.53 4.18 1.56
CA ALA A 119 -17.74 3.13 0.93
C ALA A 119 -16.38 3.63 0.44
N GLU A 120 -16.33 4.84 -0.13
N GLU A 120 -16.34 4.84 -0.13
CA GLU A 120 -15.09 5.30 -0.73
CA GLU A 120 -15.10 5.33 -0.72
C GLU A 120 -14.02 5.59 0.31
C GLU A 120 -14.02 5.51 0.34
N SER A 121 -14.40 5.99 1.52
CA SER A 121 -13.41 6.15 2.58
C SER A 121 -13.10 4.82 3.25
N ARG A 122 -14.13 4.04 3.58
CA ARG A 122 -13.89 2.80 4.32
C ARG A 122 -13.04 1.83 3.51
N VAL A 123 -13.35 1.67 2.22
CA VAL A 123 -12.55 0.80 1.36
C VAL A 123 -11.13 1.32 1.21
N PHE A 124 -10.98 2.65 1.03
CA PHE A 124 -9.66 3.25 0.94
C PHE A 124 -8.80 2.90 2.16
N TYR A 125 -9.36 3.06 3.35
CA TYR A 125 -8.56 2.86 4.56
C TYR A 125 -8.29 1.38 4.79
N LEU A 126 -9.25 0.52 4.47
CA LEU A 126 -9.02 -0.91 4.66
C LEU A 126 -7.98 -1.42 3.66
N LYS A 127 -8.00 -0.91 2.43
CA LYS A 127 -6.93 -1.22 1.49
C LYS A 127 -5.57 -0.80 2.04
N MET A 128 -5.48 0.42 2.59
CA MET A 128 -4.22 0.84 3.21
C MET A 128 -3.79 -0.11 4.31
N LYS A 129 -4.74 -0.53 5.15
CA LYS A 129 -4.39 -1.47 6.23
C LYS A 129 -3.81 -2.76 5.65
N GLY A 130 -4.44 -3.28 4.60
CA GLY A 130 -3.90 -4.46 3.94
C GLY A 130 -2.51 -4.22 3.38
N ASP A 131 -2.32 -3.06 2.72
CA ASP A 131 -1.03 -2.75 2.13
C ASP A 131 0.07 -2.72 3.19
N TYR A 132 -0.17 -2.05 4.32
CA TYR A 132 0.92 -1.86 5.29
C TYR A 132 1.18 -3.14 6.09
N TYR A 133 0.16 -3.98 6.30
CA TYR A 133 0.44 -5.32 6.83
C TYR A 133 1.21 -6.17 5.81
N ARG A 134 0.90 -6.00 4.50
CA ARG A 134 1.68 -6.67 3.47
C ARG A 134 3.15 -6.24 3.50
N TYR A 135 3.44 -4.95 3.67
CA TYR A 135 4.83 -4.53 3.78
C TYR A 135 5.49 -5.14 5.02
N LEU A 136 4.79 -5.17 6.15
CA LEU A 136 5.33 -5.89 7.29
C LEU A 136 5.57 -7.37 6.96
N ALA A 137 4.67 -7.99 6.21
CA ALA A 137 4.83 -9.41 5.88
C ALA A 137 6.07 -9.67 5.02
N GLU A 138 6.45 -8.71 4.17
CA GLU A 138 7.57 -8.89 3.25
C GLU A 138 8.87 -9.11 4.01
N VAL A 139 8.99 -8.54 5.21
CA VAL A 139 10.22 -8.62 6.01
C VAL A 139 10.06 -9.52 7.23
N ALA A 140 8.89 -10.11 7.45
CA ALA A 140 8.67 -10.92 8.63
C ALA A 140 9.29 -12.30 8.48
N THR A 141 9.84 -12.81 9.59
CA THR A 141 10.50 -14.10 9.63
C THR A 141 10.29 -14.90 10.91
N GLY A 142 9.50 -14.41 11.88
CA GLY A 142 9.38 -15.05 13.18
C GLY A 142 8.01 -15.59 13.57
N ASP A 143 7.74 -15.65 14.88
CA ASP A 143 6.53 -16.30 15.43
C ASP A 143 5.24 -15.68 14.90
N ASP A 144 5.27 -14.43 14.46
N ASP A 144 5.26 -14.42 14.45
CA ASP A 144 4.06 -13.70 14.10
CA ASP A 144 4.02 -13.74 14.09
C ASP A 144 3.85 -13.55 12.60
C ASP A 144 3.92 -13.45 12.59
N LYS A 145 4.75 -14.09 11.77
CA LYS A 145 4.61 -13.92 10.33
C LYS A 145 3.24 -14.37 9.83
N LYS A 146 2.74 -15.49 10.34
CA LYS A 146 1.45 -15.96 9.84
C LYS A 146 0.34 -15.02 10.27
N ARG A 147 0.42 -14.50 11.49
CA ARG A 147 -0.60 -13.57 11.94
C ARG A 147 -0.53 -12.26 11.18
N ILE A 148 0.68 -11.82 10.79
CA ILE A 148 0.81 -10.60 10.00
C ILE A 148 0.17 -10.79 8.62
N ILE A 149 0.45 -11.93 7.98
CA ILE A 149 -0.16 -12.27 6.71
C ILE A 149 -1.68 -12.31 6.83
N ASP A 150 -2.19 -12.93 7.89
CA ASP A 150 -3.64 -13.03 8.00
C ASP A 150 -4.28 -11.68 8.28
N SER A 151 -3.55 -10.78 8.97
CA SER A 151 -4.06 -9.42 9.15
C SER A 151 -4.17 -8.69 7.81
N ALA A 152 -3.17 -8.83 6.96
CA ALA A 152 -3.27 -8.25 5.62
C ALA A 152 -4.47 -8.83 4.88
N ARG A 153 -4.57 -10.17 4.85
N ARG A 153 -4.58 -10.16 4.85
CA ARG A 153 -5.65 -10.84 4.16
CA ARG A 153 -5.67 -10.81 4.14
C ARG A 153 -7.01 -10.36 4.66
C ARG A 153 -7.02 -10.35 4.66
N SER A 154 -7.18 -10.29 5.99
CA SER A 154 -8.47 -9.91 6.56
C SER A 154 -8.88 -8.49 6.17
N ALA A 155 -7.92 -7.56 6.18
CA ALA A 155 -8.23 -6.17 5.80
C ALA A 155 -8.60 -6.07 4.33
N TYR A 156 -7.80 -6.69 3.46
CA TYR A 156 -8.14 -6.74 2.04
C TYR A 156 -9.52 -7.36 1.82
N GLN A 157 -9.82 -8.46 2.54
CA GLN A 157 -11.09 -9.15 2.30
C GLN A 157 -12.28 -8.29 2.67
N GLU A 158 -12.21 -7.60 3.82
CA GLU A 158 -13.29 -6.71 4.20
C GLU A 158 -13.47 -5.59 3.17
N ALA A 159 -12.36 -5.05 2.68
CA ALA A 159 -12.43 -4.00 1.67
C ALA A 159 -13.06 -4.54 0.38
N MET A 160 -12.67 -5.75 -0.03
CA MET A 160 -13.25 -6.36 -1.23
C MET A 160 -14.74 -6.54 -1.08
N ASP A 161 -15.17 -7.07 0.09
CA ASP A 161 -16.59 -7.33 0.29
C ASP A 161 -17.41 -6.04 0.17
N ILE A 162 -16.94 -4.94 0.79
CA ILE A 162 -17.63 -3.66 0.69
C ILE A 162 -17.61 -3.15 -0.76
N SER A 163 -16.44 -3.23 -1.41
CA SER A 163 -16.30 -2.63 -2.73
C SER A 163 -17.19 -3.35 -3.73
N LYS A 164 -17.36 -4.65 -3.58
CA LYS A 164 -18.22 -5.37 -4.52
C LYS A 164 -19.69 -5.05 -4.30
N LYS A 165 -20.10 -4.80 -3.06
CA LYS A 165 -21.48 -4.43 -2.81
C LYS A 165 -21.79 -2.99 -3.18
N GLU A 166 -20.84 -2.07 -2.97
CA GLU A 166 -21.15 -0.64 -2.94
C GLU A 166 -20.56 0.17 -4.09
N MET A 167 -19.68 -0.39 -4.91
CA MET A 167 -19.01 0.35 -5.95
C MET A 167 -19.15 -0.36 -7.28
N PRO A 168 -19.15 0.39 -8.38
CA PRO A 168 -19.15 -0.24 -9.72
C PRO A 168 -17.81 -0.89 -10.03
N PRO A 169 -17.78 -1.84 -10.96
CA PRO A 169 -16.53 -2.57 -11.23
C PRO A 169 -15.43 -1.72 -11.79
N THR A 170 -15.73 -0.53 -12.30
CA THR A 170 -14.70 0.36 -12.82
C THR A 170 -14.20 1.39 -11.81
N ASN A 171 -14.76 1.42 -10.60
CA ASN A 171 -14.33 2.39 -9.61
CA ASN A 171 -14.33 2.39 -9.61
C ASN A 171 -12.81 2.28 -9.38
N PRO A 172 -12.07 3.38 -9.53
CA PRO A 172 -10.59 3.26 -9.37
C PRO A 172 -10.14 2.74 -8.03
N ILE A 173 -10.85 3.06 -6.95
CA ILE A 173 -10.47 2.53 -5.64
C ILE A 173 -10.64 1.02 -5.62
N ARG A 174 -11.80 0.54 -6.09
CA ARG A 174 -12.06 -0.89 -6.20
C ARG A 174 -10.99 -1.57 -7.06
N LEU A 175 -10.64 -0.96 -8.19
CA LEU A 175 -9.65 -1.56 -9.08
C LEU A 175 -8.27 -1.62 -8.42
N GLY A 176 -7.86 -0.55 -7.73
CA GLY A 176 -6.55 -0.54 -7.10
C GLY A 176 -6.49 -1.50 -5.94
N LEU A 177 -7.62 -1.68 -5.23
CA LEU A 177 -7.71 -2.68 -4.18
C LEU A 177 -7.51 -4.07 -4.76
N ALA A 178 -8.22 -4.38 -5.84
CA ALA A 178 -8.12 -5.72 -6.42
C ALA A 178 -6.71 -5.98 -6.95
N LEU A 179 -6.13 -4.99 -7.61
CA LEU A 179 -4.73 -5.09 -8.04
C LEU A 179 -3.83 -5.48 -6.87
N ASN A 180 -3.92 -4.76 -5.75
CA ASN A 180 -2.97 -5.02 -4.65
C ASN A 180 -3.29 -6.31 -3.92
N PHE A 181 -4.56 -6.69 -3.79
CA PHE A 181 -4.90 -7.99 -3.18
C PHE A 181 -4.38 -9.11 -4.07
N SER A 182 -4.47 -8.94 -5.39
N SER A 182 -4.46 -8.94 -5.40
CA SER A 182 -3.91 -9.92 -6.30
CA SER A 182 -3.91 -9.95 -6.29
C SER A 182 -2.40 -10.05 -6.10
C SER A 182 -2.39 -10.06 -6.09
N VAL A 183 -1.70 -8.93 -5.92
CA VAL A 183 -0.26 -8.97 -5.62
C VAL A 183 0.00 -9.65 -4.28
N PHE A 184 -0.83 -9.38 -3.27
CA PHE A 184 -0.72 -10.10 -2.01
C PHE A 184 -0.76 -11.61 -2.24
N HIS A 185 -1.73 -12.08 -3.02
CA HIS A 185 -1.85 -13.52 -3.25
C HIS A 185 -0.58 -14.05 -3.91
N TYR A 186 -0.07 -13.33 -4.90
CA TYR A 186 1.05 -13.81 -5.69
C TYR A 186 2.36 -13.76 -4.89
N GLU A 187 2.59 -12.66 -4.18
CA GLU A 187 3.88 -12.37 -3.57
C GLU A 187 3.97 -12.80 -2.12
N ILE A 188 2.87 -12.84 -1.38
CA ILE A 188 2.88 -13.06 0.05
C ILE A 188 2.29 -14.42 0.41
N ALA A 189 1.14 -14.76 -0.19
CA ALA A 189 0.35 -15.91 0.23
C ALA A 189 0.65 -17.18 -0.57
N ASN A 190 1.62 -17.12 -1.47
CA ASN A 190 2.00 -18.30 -2.25
C ASN A 190 0.80 -18.86 -3.01
N SER A 191 -0.03 -17.97 -3.55
CA SER A 191 -1.29 -18.36 -4.21
C SER A 191 -1.36 -17.74 -5.59
N PRO A 192 -0.44 -18.10 -6.49
CA PRO A 192 -0.44 -17.48 -7.82
C PRO A 192 -1.73 -17.72 -8.59
N GLU A 193 -2.38 -18.88 -8.44
CA GLU A 193 -3.63 -19.09 -9.17
C GLU A 193 -4.72 -18.14 -8.71
N GLU A 194 -4.81 -17.89 -7.39
CA GLU A 194 -5.75 -16.92 -6.89
C GLU A 194 -5.42 -15.52 -7.41
N ALA A 195 -4.14 -15.17 -7.43
CA ALA A 195 -3.72 -13.87 -7.95
C ALA A 195 -4.15 -13.66 -9.39
N ILE A 196 -3.93 -14.67 -10.23
CA ILE A 196 -4.30 -14.59 -11.65
C ILE A 196 -5.80 -14.53 -11.82
N SER A 197 -6.53 -15.38 -11.10
N SER A 197 -6.53 -15.38 -11.10
CA SER A 197 -7.99 -15.38 -11.23
CA SER A 197 -7.99 -15.40 -11.20
C SER A 197 -8.58 -14.06 -10.81
C SER A 197 -8.58 -14.07 -10.81
N LEU A 198 -8.12 -13.50 -9.69
CA LEU A 198 -8.63 -12.21 -9.26
C LEU A 198 -8.32 -11.12 -10.29
N ALA A 199 -7.09 -11.07 -10.79
CA ALA A 199 -6.73 -10.03 -11.75
C ALA A 199 -7.58 -10.14 -13.02
N LYS A 200 -7.79 -11.36 -13.51
N LYS A 200 -7.80 -11.36 -13.49
CA LYS A 200 -8.52 -11.57 -14.75
CA LYS A 200 -8.58 -11.57 -14.72
C LYS A 200 -10.00 -11.21 -14.60
C LYS A 200 -10.04 -11.14 -14.52
N THR A 201 -10.63 -11.66 -13.51
N THR A 201 -10.71 -11.67 -13.50
CA THR A 201 -12.03 -11.37 -13.29
CA THR A 201 -12.11 -11.34 -13.29
C THR A 201 -12.24 -9.86 -13.07
C THR A 201 -12.28 -9.85 -13.05
N THR A 202 -11.34 -9.22 -12.33
CA THR A 202 -11.43 -7.78 -12.12
C THR A 202 -11.32 -7.05 -13.44
N PHE A 203 -10.38 -7.47 -14.28
CA PHE A 203 -10.19 -6.81 -15.58
C PHE A 203 -11.44 -6.98 -16.44
N ASP A 204 -11.96 -8.20 -16.51
CA ASP A 204 -13.07 -8.47 -17.41
C ASP A 204 -14.35 -7.76 -16.96
N GLU A 205 -14.62 -7.74 -15.65
N GLU A 205 -14.60 -7.71 -15.66
CA GLU A 205 -15.81 -7.04 -15.19
CA GLU A 205 -15.81 -7.04 -15.17
C GLU A 205 -15.69 -5.54 -15.43
C GLU A 205 -15.70 -5.53 -15.27
N ALA A 206 -14.49 -4.98 -15.27
CA ALA A 206 -14.33 -3.56 -15.54
C ALA A 206 -14.52 -3.27 -17.02
N MET A 207 -13.94 -4.11 -17.88
CA MET A 207 -14.11 -3.95 -19.33
C MET A 207 -15.58 -3.80 -19.71
N ALA A 208 -16.43 -4.63 -19.12
CA ALA A 208 -17.85 -4.65 -19.46
C ALA A 208 -18.62 -3.45 -18.94
N ASP A 209 -18.03 -2.66 -18.02
CA ASP A 209 -18.67 -1.50 -17.43
C ASP A 209 -18.14 -0.19 -18.01
N LEU A 210 -17.12 -0.25 -18.85
CA LEU A 210 -16.52 0.98 -19.35
C LEU A 210 -17.53 1.83 -20.12
N HIS A 211 -18.52 1.19 -20.76
CA HIS A 211 -19.43 1.91 -21.63
C HIS A 211 -20.27 2.93 -20.86
N THR A 212 -20.34 2.80 -19.53
CA THR A 212 -21.14 3.70 -18.70
C THR A 212 -20.42 4.99 -18.35
N LEU A 213 -19.15 5.12 -18.70
CA LEU A 213 -18.28 6.15 -18.17
C LEU A 213 -18.11 7.33 -19.13
N SER A 214 -17.89 8.49 -18.54
CA SER A 214 -17.34 9.62 -19.27
C SER A 214 -15.91 9.34 -19.76
N GLU A 215 -15.44 10.22 -20.67
CA GLU A 215 -14.08 10.11 -21.17
C GLU A 215 -13.05 10.21 -20.04
N ASP A 216 -13.27 11.10 -19.07
CA ASP A 216 -12.29 11.25 -18.00
C ASP A 216 -12.29 10.04 -17.08
N SER A 217 -13.47 9.53 -16.74
CA SER A 217 -13.56 8.34 -15.89
C SER A 217 -13.01 7.12 -16.62
N TYR A 218 -13.27 7.02 -17.92
CA TYR A 218 -12.70 5.95 -18.74
C TYR A 218 -11.18 5.96 -18.68
N LYS A 219 -10.57 7.13 -18.80
CA LYS A 219 -9.12 7.26 -18.68
C LYS A 219 -8.63 6.78 -17.31
N ASP A 220 -9.31 7.19 -16.23
CA ASP A 220 -8.92 6.78 -14.88
C ASP A 220 -8.96 5.27 -14.72
N SER A 221 -10.04 4.64 -15.17
CA SER A 221 -10.24 3.20 -14.99
C SER A 221 -9.31 2.39 -15.90
N THR A 222 -9.15 2.79 -17.16
CA THR A 222 -8.32 1.99 -18.07
C THR A 222 -6.86 2.02 -17.63
N LEU A 223 -6.41 3.13 -17.02
CA LEU A 223 -5.04 3.19 -16.53
C LEU A 223 -4.76 2.05 -15.54
N ILE A 224 -5.66 1.82 -14.61
CA ILE A 224 -5.45 0.77 -13.61
C ILE A 224 -5.71 -0.59 -14.22
N MET A 225 -6.64 -0.69 -15.17
CA MET A 225 -6.84 -1.95 -15.86
C MET A 225 -5.55 -2.39 -16.57
N GLN A 226 -4.81 -1.43 -17.12
CA GLN A 226 -3.56 -1.77 -17.77
C GLN A 226 -2.56 -2.36 -16.78
N LEU A 227 -2.57 -1.89 -15.52
CA LEU A 227 -1.68 -2.47 -14.51
C LEU A 227 -2.07 -3.92 -14.20
N LEU A 228 -3.36 -4.22 -14.13
CA LEU A 228 -3.79 -5.61 -14.02
C LEU A 228 -3.32 -6.43 -15.20
N ARG A 229 -3.46 -5.90 -16.41
CA ARG A 229 -3.00 -6.63 -17.59
C ARG A 229 -1.51 -6.87 -17.56
N ASP A 230 -0.72 -5.86 -17.16
CA ASP A 230 0.72 -6.03 -17.10
C ASP A 230 1.09 -7.17 -16.17
N ASN A 231 0.41 -7.27 -15.02
CA ASN A 231 0.71 -8.35 -14.09
C ASN A 231 0.34 -9.70 -14.69
N LEU A 232 -0.82 -9.79 -15.34
CA LEU A 232 -1.22 -11.06 -15.96
C LEU A 232 -0.20 -11.49 -17.01
N THR A 233 0.34 -10.54 -17.76
CA THR A 233 1.34 -10.85 -18.78
C THR A 233 2.63 -11.34 -18.14
N LEU A 234 2.99 -10.76 -17.00
CA LEU A 234 4.17 -11.22 -16.28
C LEU A 234 3.95 -12.58 -15.65
N TRP A 235 2.73 -12.85 -15.18
CA TRP A 235 2.48 -14.05 -14.39
C TRP A 235 2.06 -15.26 -15.21
N THR A 236 1.72 -15.08 -16.49
CA THR A 236 1.24 -16.18 -17.31
C THR A 236 2.09 -16.42 -18.56
N GLU B 3 9.94 8.50 -3.41
CA GLU B 3 10.99 7.50 -3.30
C GLU B 3 10.49 6.15 -3.80
N ASN B 4 9.18 6.08 -4.06
CA ASN B 4 8.59 4.80 -4.47
C ASN B 4 9.17 4.40 -5.82
N PRO B 5 9.80 3.23 -5.95
CA PRO B 5 10.25 2.77 -7.26
C PRO B 5 9.07 2.48 -8.17
N THR B 6 9.39 2.19 -9.44
CA THR B 6 8.40 1.80 -10.44
C THR B 6 8.36 0.30 -10.69
N SER B 7 9.17 -0.48 -9.96
CA SER B 7 9.42 -1.87 -10.31
C SER B 7 8.36 -2.84 -9.81
N GLN B 8 7.57 -2.46 -8.81
CA GLN B 8 6.72 -3.40 -8.10
C GLN B 8 5.39 -3.61 -8.83
N ALA B 9 4.84 -4.81 -8.65
CA ALA B 9 3.58 -5.20 -9.30
C ALA B 9 2.36 -4.48 -8.70
N GLN B 11 0.10 -1.25 -7.09
CA GLN B 11 -0.29 -0.01 -7.72
C GLN B 11 0.77 1.08 -7.55
#